data_4IBP
#
_entry.id   4IBP
#
_cell.length_a   70.531
_cell.length_b   81.915
_cell.length_c   111.969
_cell.angle_alpha   90.000
_cell.angle_beta   90.000
_cell.angle_gamma   90.000
#
_symmetry.space_group_name_H-M   'I 21 21 21'
#
loop_
_entity.id
_entity.type
_entity.pdbx_description
1 polymer 'Glutathione S-transferase-like protein YibF'
2 non-polymer 'SULFATE ION'
3 non-polymer GLUTATHIONE
4 water water
#
_entity_poly.entity_id   1
_entity_poly.type   'polypeptide(L)'
_entity_poly.pdbx_seq_one_letter_code
;(MSE)SLTLFHNPASPYVRKV(MSE)VLLHETGQLNRVALQASQLSPVAPDAALNQDNPLGKIPALRLDNGQVLYDSRVI
LDYLDQQHVGNPLIPRDGSARWRRLTLAALADGI(MSE)DASVLVRYELALRAPEKHWEQWLDGQRDKIRRALAVLEAEA
IAELASHFDIAAISVACALGYLDFRHPDLEWRQDHPQLAAWYFEISQRPS(MSE)LATRPPVEGHHHHHH
;
_entity_poly.pdbx_strand_id   A
#
# COMPACT_ATOMS: atom_id res chain seq x y z
N SER A 2 0.14 -23.26 -7.24
CA SER A 2 0.48 -22.16 -6.35
C SER A 2 0.37 -20.83 -7.08
N LEU A 3 0.48 -19.75 -6.32
CA LEU A 3 0.34 -18.41 -6.85
C LEU A 3 1.72 -17.81 -7.12
N THR A 4 1.77 -16.80 -7.97
CA THR A 4 3.00 -16.05 -8.20
C THR A 4 2.73 -14.56 -8.06
N LEU A 5 3.44 -13.88 -7.15
CA LEU A 5 3.21 -12.46 -6.94
C LEU A 5 4.40 -11.68 -7.47
N PHE A 6 4.16 -10.77 -8.42
CA PHE A 6 5.22 -9.84 -8.82
C PHE A 6 5.51 -8.88 -7.68
N HIS A 7 6.78 -8.85 -7.26
CA HIS A 7 7.14 -8.35 -5.94
C HIS A 7 8.39 -7.47 -5.92
N ASN A 8 8.36 -6.46 -5.07
CA ASN A 8 9.51 -5.63 -4.78
C ASN A 8 9.38 -5.25 -3.31
N PRO A 9 10.47 -5.33 -2.53
CA PRO A 9 10.30 -5.05 -1.10
C PRO A 9 10.14 -3.57 -0.75
N ALA A 10 10.22 -2.68 -1.73
CA ALA A 10 10.04 -1.26 -1.44
C ALA A 10 8.59 -0.82 -1.63
N SER A 11 7.89 -1.45 -2.57
CA SER A 11 6.53 -1.03 -2.93
C SER A 11 5.51 -1.17 -1.82
N PRO A 12 4.79 -0.08 -1.51
CA PRO A 12 3.81 -0.19 -0.44
C PRO A 12 2.53 -0.88 -0.93
N TYR A 13 2.29 -0.89 -2.24
CA TYR A 13 1.11 -1.59 -2.75
C TYR A 13 1.34 -3.07 -2.60
N VAL A 14 2.55 -3.50 -2.95
CA VAL A 14 2.99 -4.86 -2.73
C VAL A 14 2.98 -5.19 -1.24
N ARG A 15 3.45 -4.25 -0.43
CA ARG A 15 3.48 -4.51 1.00
C ARG A 15 2.09 -4.81 1.56
N LYS A 16 1.05 -4.11 1.08
CA LYS A 16 -0.32 -4.41 1.52
C LYS A 16 -0.63 -5.88 1.30
N VAL A 17 -0.33 -6.39 0.11
CA VAL A 17 -0.57 -7.79 -0.19
C VAL A 17 0.26 -8.75 0.71
N VAL A 19 1.47 -8.16 3.78
CA VAL A 19 0.93 -8.10 5.13
C VAL A 19 -0.35 -8.92 5.21
N LEU A 20 -1.21 -8.82 4.21
CA LEU A 20 -2.45 -9.59 4.26
C LEU A 20 -2.18 -11.09 4.20
N LEU A 21 -1.22 -11.50 3.36
CA LEU A 21 -0.87 -12.90 3.27
C LEU A 21 -0.29 -13.39 4.59
N HIS A 22 0.55 -12.56 5.19
CA HIS A 22 1.12 -12.89 6.50
C HIS A 22 -0.01 -13.04 7.54
N GLU A 23 -0.89 -12.05 7.65
CA GLU A 23 -1.98 -12.10 8.63
C GLU A 23 -2.92 -13.28 8.46
N THR A 24 -3.15 -13.72 7.22
CA THR A 24 -4.17 -14.73 6.97
C THR A 24 -3.55 -16.11 6.78
N GLY A 25 -2.22 -16.17 6.91
CA GLY A 25 -1.51 -17.44 6.89
C GLY A 25 -1.37 -18.05 5.52
N GLN A 26 -1.32 -17.20 4.50
CA GLN A 26 -1.30 -17.66 3.13
C GLN A 26 0.04 -17.50 2.43
N LEU A 27 1.10 -17.17 3.18
CA LEU A 27 2.41 -17.00 2.55
C LEU A 27 2.90 -18.28 1.86
N ASN A 28 2.51 -19.44 2.38
CA ASN A 28 3.01 -20.71 1.83
C ASN A 28 2.38 -21.07 0.50
N ARG A 29 1.55 -20.19 -0.02
CA ARG A 29 0.90 -20.43 -1.29
C ARG A 29 1.52 -19.58 -2.40
N VAL A 30 2.49 -18.75 -2.04
CA VAL A 30 2.89 -17.68 -2.93
C VAL A 30 4.37 -17.62 -3.22
N ALA A 31 4.74 -17.77 -4.49
CA ALA A 31 6.09 -17.54 -4.96
C ALA A 31 6.25 -16.07 -5.34
N LEU A 32 7.39 -15.49 -5.00
CA LEU A 32 7.66 -14.11 -5.33
C LEU A 32 8.50 -14.04 -6.59
N GLN A 33 8.11 -13.17 -7.51
CA GLN A 33 8.88 -12.91 -8.71
C GLN A 33 9.42 -11.51 -8.62
N ALA A 34 10.71 -11.38 -8.37
CA ALA A 34 11.33 -10.07 -8.22
C ALA A 34 11.09 -9.20 -9.45
N SER A 35 10.83 -7.92 -9.20
CA SER A 35 10.62 -6.97 -10.29
C SER A 35 11.22 -5.62 -9.92
N GLN A 36 12.07 -5.10 -10.80
CA GLN A 36 12.52 -3.71 -10.71
C GLN A 36 11.94 -3.02 -11.92
N LEU A 37 11.35 -1.85 -11.70
CA LEU A 37 10.69 -1.13 -12.78
C LEU A 37 10.46 0.33 -12.45
N SER A 38 10.00 1.06 -13.46
CA SER A 38 9.57 2.43 -13.31
C SER A 38 8.71 2.72 -14.52
N PRO A 39 8.04 3.88 -14.56
CA PRO A 39 7.27 4.20 -15.77
C PRO A 39 8.17 4.36 -17.00
N VAL A 40 9.45 4.69 -16.78
CA VAL A 40 10.39 4.92 -17.88
C VAL A 40 11.41 3.78 -17.99
N ALA A 41 11.16 2.69 -17.27
CA ALA A 41 12.02 1.52 -17.30
C ALA A 41 11.21 0.24 -17.12
N PRO A 42 10.55 -0.20 -18.21
CA PRO A 42 9.60 -1.33 -18.16
C PRO A 42 10.25 -2.68 -17.84
N ASP A 43 9.45 -3.55 -17.22
CA ASP A 43 9.81 -4.94 -16.93
C ASP A 43 8.99 -5.77 -17.90
N ALA A 44 9.64 -6.31 -18.93
CA ALA A 44 8.94 -6.99 -20.01
C ALA A 44 8.21 -8.26 -19.59
N ALA A 45 8.75 -8.96 -18.60
CA ALA A 45 8.08 -10.15 -18.07
C ALA A 45 6.80 -9.77 -17.31
N LEU A 46 6.88 -8.70 -16.54
CA LEU A 46 5.71 -8.16 -15.85
C LEU A 46 4.65 -7.74 -16.85
N ASN A 47 5.06 -6.98 -17.87
CA ASN A 47 4.14 -6.46 -18.89
C ASN A 47 3.34 -7.54 -19.60
N GLN A 48 3.87 -8.76 -19.66
CA GLN A 48 3.14 -9.84 -20.32
C GLN A 48 2.00 -10.35 -19.44
N ASP A 49 2.06 -10.02 -18.15
CA ASP A 49 1.04 -10.44 -17.20
C ASP A 49 0.13 -9.27 -16.81
N ASN A 50 0.73 -8.13 -16.53
CA ASN A 50 -0.04 -6.91 -16.31
C ASN A 50 0.38 -5.87 -17.32
N PRO A 51 -0.47 -5.63 -18.33
CA PRO A 51 -0.18 -4.66 -19.38
C PRO A 51 0.08 -3.25 -18.85
N LEU A 52 -0.45 -2.89 -17.68
CA LEU A 52 -0.20 -1.55 -17.14
C LEU A 52 1.23 -1.40 -16.62
N GLY A 53 1.97 -2.51 -16.53
CA GLY A 53 3.33 -2.48 -16.06
C GLY A 53 3.43 -1.94 -14.64
N LYS A 54 2.59 -2.48 -13.76
CA LYS A 54 2.64 -2.12 -12.35
C LYS A 54 2.61 -3.35 -11.46
N ILE A 55 3.22 -3.22 -10.28
CA ILE A 55 3.14 -4.25 -9.27
C ILE A 55 2.33 -3.72 -8.07
N PRO A 56 1.65 -4.62 -7.34
CA PRO A 56 1.65 -6.08 -7.49
C PRO A 56 0.81 -6.55 -8.65
N ALA A 57 1.12 -7.75 -9.14
CA ALA A 57 0.22 -8.49 -10.03
C ALA A 57 0.29 -9.92 -9.54
N LEU A 58 -0.84 -10.60 -9.51
CA LEU A 58 -0.89 -11.96 -8.97
C LEU A 58 -1.27 -12.97 -10.07
N ARG A 59 -0.40 -13.94 -10.32
CA ARG A 59 -0.73 -14.98 -11.32
C ARG A 59 -1.33 -16.19 -10.58
N LEU A 60 -2.50 -16.63 -10.99
CA LEU A 60 -3.20 -17.72 -10.30
C LEU A 60 -2.69 -19.09 -10.78
N ASP A 61 -3.17 -20.16 -10.14
CA ASP A 61 -2.76 -21.54 -10.41
C ASP A 61 -3.05 -21.89 -11.88
N ASN A 62 -4.09 -21.26 -12.42
CA ASN A 62 -4.54 -21.56 -13.78
C ASN A 62 -3.96 -20.64 -14.85
N GLY A 63 -3.03 -19.76 -14.46
CA GLY A 63 -2.44 -18.83 -15.42
C GLY A 63 -3.07 -17.45 -15.48
N GLN A 64 -4.31 -17.32 -15.02
CA GLN A 64 -4.98 -16.00 -15.00
C GLN A 64 -4.23 -15.00 -14.11
N VAL A 65 -4.26 -13.72 -14.47
CA VAL A 65 -3.57 -12.68 -13.71
C VAL A 65 -4.55 -11.69 -13.09
N LEU A 66 -4.38 -11.41 -11.81
CA LEU A 66 -5.19 -10.38 -11.15
C LEU A 66 -4.35 -9.13 -10.87
N TYR A 67 -4.96 -7.95 -11.06
CA TYR A 67 -4.40 -6.68 -10.62
C TYR A 67 -5.60 -5.73 -10.55
N ASP A 68 -5.50 -4.57 -9.88
CA ASP A 68 -4.34 -4.07 -9.16
C ASP A 68 -4.40 -4.54 -7.71
N SER A 69 -3.72 -3.85 -6.81
CA SER A 69 -3.60 -4.32 -5.43
C SER A 69 -4.96 -4.55 -4.74
N ARG A 70 -5.88 -3.62 -4.92
CA ARG A 70 -7.19 -3.75 -4.28
C ARG A 70 -7.96 -4.98 -4.74
N VAL A 71 -7.83 -5.33 -6.03
CA VAL A 71 -8.45 -6.55 -6.56
C VAL A 71 -7.77 -7.80 -5.95
N ILE A 72 -6.44 -7.77 -5.89
CA ILE A 72 -5.68 -8.86 -5.31
C ILE A 72 -6.05 -9.03 -3.82
N LEU A 73 -6.16 -7.92 -3.10
CA LEU A 73 -6.52 -7.98 -1.67
C LEU A 73 -7.90 -8.61 -1.48
N ASP A 74 -8.85 -8.24 -2.32
CA ASP A 74 -10.20 -8.76 -2.22
C ASP A 74 -10.18 -10.27 -2.50
N TYR A 75 -9.46 -10.68 -3.52
CA TYR A 75 -9.33 -12.11 -3.85
C TYR A 75 -8.76 -12.90 -2.67
N LEU A 76 -7.62 -12.46 -2.16
CA LEU A 76 -6.94 -13.21 -1.12
C LEU A 76 -7.74 -13.24 0.18
N ASP A 77 -8.52 -12.19 0.45
CA ASP A 77 -9.33 -12.16 1.66
C ASP A 77 -10.47 -13.19 1.58
N GLN A 78 -10.87 -13.57 0.38
CA GLN A 78 -11.91 -14.57 0.22
C GLN A 78 -11.35 -15.99 0.19
N GLN A 79 -10.03 -16.11 0.22
CA GLN A 79 -9.37 -17.42 0.08
C GLN A 79 -9.20 -18.17 1.40
N HIS A 80 -9.25 -17.45 2.51
CA HIS A 80 -9.08 -18.09 3.81
C HIS A 80 -10.40 -18.14 4.57
N VAL A 81 -10.48 -18.96 5.62
CA VAL A 81 -11.74 -19.16 6.32
C VAL A 81 -11.79 -18.43 7.67
N GLY A 82 -10.75 -17.66 7.96
CA GLY A 82 -10.75 -16.83 9.16
C GLY A 82 -11.66 -15.62 9.03
N ASN A 83 -11.62 -14.73 10.03
CA ASN A 83 -12.41 -13.52 9.95
C ASN A 83 -11.97 -12.66 8.77
N PRO A 84 -12.92 -12.20 7.97
CA PRO A 84 -12.56 -11.38 6.81
C PRO A 84 -11.91 -10.05 7.19
N LEU A 85 -10.88 -9.66 6.45
CA LEU A 85 -10.28 -8.36 6.65
C LEU A 85 -10.99 -7.25 5.89
N ILE A 86 -11.87 -7.63 4.95
CA ILE A 86 -12.77 -6.66 4.34
C ILE A 86 -14.21 -7.02 4.71
N PRO A 87 -14.93 -6.09 5.34
CA PRO A 87 -16.31 -6.37 5.75
C PRO A 87 -17.16 -6.74 4.53
N ARG A 88 -17.94 -7.80 4.62
CA ARG A 88 -18.68 -8.24 3.45
C ARG A 88 -19.90 -7.35 3.13
N ASP A 89 -20.47 -6.74 4.16
CA ASP A 89 -21.59 -5.82 3.99
C ASP A 89 -21.69 -4.88 5.18
N GLY A 90 -22.79 -4.15 5.28
CA GLY A 90 -22.95 -3.20 6.38
C GLY A 90 -22.25 -1.89 6.07
N SER A 91 -22.48 -0.87 6.89
CA SER A 91 -21.87 0.42 6.64
C SER A 91 -20.35 0.33 6.82
N ALA A 92 -19.93 -0.62 7.67
CA ALA A 92 -18.52 -0.88 7.86
C ALA A 92 -17.82 -1.21 6.54
N ARG A 93 -18.50 -1.88 5.61
CA ARG A 93 -17.82 -2.21 4.36
C ARG A 93 -17.37 -0.94 3.64
N TRP A 94 -18.27 0.01 3.44
CA TRP A 94 -17.86 1.16 2.66
C TRP A 94 -17.05 2.17 3.44
N ARG A 95 -17.19 2.14 4.77
CA ARG A 95 -16.33 2.98 5.60
C ARG A 95 -14.88 2.50 5.53
N ARG A 96 -14.67 1.20 5.75
CA ARG A 96 -13.31 0.64 5.76
C ARG A 96 -12.73 0.68 4.35
N LEU A 97 -13.56 0.47 3.33
CA LEU A 97 -13.02 0.53 1.98
C LEU A 97 -12.61 1.97 1.59
N THR A 98 -13.32 2.95 2.14
CA THR A 98 -13.00 4.35 1.85
C THR A 98 -11.69 4.74 2.55
N LEU A 99 -11.53 4.31 3.79
CA LEU A 99 -10.28 4.53 4.51
C LEU A 99 -9.11 3.89 3.76
N ALA A 100 -9.32 2.68 3.23
CA ALA A 100 -8.29 2.03 2.44
C ALA A 100 -7.99 2.84 1.18
N ALA A 101 -9.04 3.40 0.57
CA ALA A 101 -8.85 4.23 -0.62
C ALA A 101 -8.12 5.54 -0.30
N LEU A 102 -8.31 6.04 0.91
CA LEU A 102 -7.61 7.24 1.35
C LEU A 102 -6.12 6.89 1.45
N ALA A 103 -5.82 5.75 2.07
CA ALA A 103 -4.44 5.27 2.14
C ALA A 103 -3.84 5.08 0.75
N ASP A 104 -4.59 4.47 -0.19
CA ASP A 104 -4.12 4.33 -1.56
C ASP A 104 -3.84 5.69 -2.20
N GLY A 105 -4.67 6.68 -1.90
CA GLY A 105 -4.48 8.04 -2.41
C GLY A 105 -3.19 8.65 -1.87
N ILE A 106 -2.87 8.36 -0.62
CA ILE A 106 -1.60 8.82 -0.06
C ILE A 106 -0.44 8.19 -0.83
N ASP A 108 -0.53 6.97 -3.89
CA ASP A 108 -0.54 7.45 -5.27
C ASP A 108 0.25 8.76 -5.38
N ALA A 109 -0.05 9.69 -4.46
CA ALA A 109 0.60 10.99 -4.49
C ALA A 109 2.06 10.86 -4.13
N SER A 110 2.37 10.03 -3.14
CA SER A 110 3.74 9.92 -2.68
C SER A 110 4.64 9.24 -3.71
N VAL A 111 4.07 8.32 -4.50
CA VAL A 111 4.79 7.71 -5.61
C VAL A 111 5.01 8.71 -6.76
N LEU A 112 4.01 9.54 -7.05
CA LEU A 112 4.16 10.54 -8.13
C LEU A 112 5.27 11.55 -7.83
N VAL A 113 5.32 11.99 -6.58
CA VAL A 113 6.38 12.88 -6.11
C VAL A 113 7.75 12.22 -6.21
N ARG A 114 7.84 10.97 -5.77
CA ARG A 114 9.08 10.20 -5.81
C ARG A 114 9.65 10.06 -7.22
N TYR A 115 8.78 9.76 -8.19
CA TYR A 115 9.19 9.62 -9.59
C TYR A 115 9.70 10.94 -10.16
N GLU A 116 9.03 12.02 -9.77
CA GLU A 116 9.36 13.36 -10.25
C GLU A 116 10.73 13.78 -9.77
N LEU A 117 10.97 13.61 -8.47
CA LEU A 117 12.19 14.08 -7.82
C LEU A 117 13.40 13.19 -8.07
N ALA A 118 13.16 11.92 -8.37
CA ALA A 118 14.25 10.95 -8.48
C ALA A 118 14.58 10.57 -9.92
N LEU A 119 13.63 10.75 -10.82
CA LEU A 119 13.80 10.28 -12.19
C LEU A 119 13.74 11.38 -13.24
N ARG A 120 13.09 12.50 -12.91
CA ARG A 120 12.94 13.59 -13.87
C ARG A 120 14.01 14.67 -13.68
N ALA A 121 14.61 15.09 -14.79
CA ALA A 121 15.65 16.12 -14.78
C ALA A 121 15.21 17.36 -14.00
N PRO A 122 15.95 17.68 -12.94
CA PRO A 122 15.66 18.74 -11.95
C PRO A 122 15.32 20.09 -12.56
N GLU A 123 15.77 20.30 -13.79
CA GLU A 123 15.45 21.51 -14.52
C GLU A 123 13.99 21.47 -15.01
N LYS A 124 13.41 20.28 -15.01
CA LYS A 124 12.05 20.07 -15.50
C LYS A 124 11.03 19.84 -14.39
N HIS A 125 11.52 19.83 -13.14
CA HIS A 125 10.64 19.75 -11.98
C HIS A 125 9.60 20.88 -12.01
N TRP A 126 8.38 20.58 -11.58
CA TRP A 126 7.33 21.59 -11.48
C TRP A 126 6.92 21.68 -10.01
N GLU A 127 7.20 22.82 -9.39
CA GLU A 127 7.08 22.93 -7.93
C GLU A 127 5.62 23.00 -7.46
N GLN A 128 4.76 23.59 -8.28
CA GLN A 128 3.36 23.72 -7.92
C GLN A 128 2.68 22.36 -8.04
N TRP A 129 3.24 21.50 -8.87
CA TRP A 129 2.74 20.15 -9.04
C TRP A 129 3.09 19.28 -7.83
N LEU A 130 4.39 19.22 -7.52
CA LEU A 130 4.88 18.48 -6.35
C LEU A 130 4.15 18.92 -5.08
N ASP A 131 3.97 20.23 -4.94
CA ASP A 131 3.28 20.80 -3.79
C ASP A 131 1.81 20.41 -3.77
N GLY A 132 1.21 20.29 -4.95
CA GLY A 132 -0.17 19.85 -5.06
C GLY A 132 -0.31 18.42 -4.56
N GLN A 133 0.64 17.57 -4.92
CA GLN A 133 0.63 16.19 -4.48
C GLN A 133 0.88 16.08 -2.98
N ARG A 134 1.86 16.82 -2.48
CA ARG A 134 2.14 16.81 -1.04
C ARG A 134 0.93 17.26 -0.24
N ASP A 135 0.16 18.18 -0.82
CA ASP A 135 -1.03 18.70 -0.12
C ASP A 135 -2.11 17.64 0.09
N LYS A 136 -2.32 16.80 -0.92
CA LYS A 136 -3.24 15.66 -0.79
C LYS A 136 -2.82 14.80 0.39
N ILE A 137 -1.52 14.46 0.44
CA ILE A 137 -0.99 13.67 1.55
C ILE A 137 -1.29 14.32 2.90
N ARG A 138 -0.97 15.60 3.05
CA ARG A 138 -1.22 16.24 4.35
C ARG A 138 -2.69 16.37 4.70
N ARG A 139 -3.54 16.67 3.72
CA ARG A 139 -4.99 16.70 3.96
C ARG A 139 -5.50 15.33 4.39
N ALA A 140 -5.03 14.28 3.71
CA ALA A 140 -5.41 12.91 4.06
C ALA A 140 -5.00 12.52 5.49
N LEU A 141 -3.75 12.84 5.85
CA LEU A 141 -3.25 12.56 7.19
C LEU A 141 -4.05 13.30 8.26
N ALA A 142 -4.37 14.55 7.97
CA ALA A 142 -5.19 15.35 8.87
C ALA A 142 -6.53 14.67 9.16
N VAL A 143 -7.13 14.11 8.12
CA VAL A 143 -8.42 13.42 8.24
C VAL A 143 -8.32 12.15 9.08
N LEU A 144 -7.29 11.34 8.81
CA LEU A 144 -7.07 10.12 9.60
C LEU A 144 -6.93 10.48 11.08
N GLU A 145 -6.20 11.57 11.33
CA GLU A 145 -5.94 12.01 12.71
C GLU A 145 -7.22 12.50 13.36
N ALA A 146 -8.04 13.24 12.60
CA ALA A 146 -9.25 13.82 13.18
C ALA A 146 -10.45 12.86 13.22
N GLU A 147 -10.52 11.93 12.27
CA GLU A 147 -11.74 11.14 12.11
C GLU A 147 -11.57 9.63 12.23
N ALA A 148 -10.35 9.12 12.06
CA ALA A 148 -10.19 7.68 11.86
C ALA A 148 -9.45 6.87 12.92
N ILE A 149 -8.92 7.53 13.97
CA ILE A 149 -8.07 6.81 14.92
C ILE A 149 -8.75 5.62 15.58
N ALA A 150 -9.95 5.83 16.10
CA ALA A 150 -10.68 4.75 16.77
C ALA A 150 -11.01 3.60 15.84
N GLU A 151 -11.40 3.92 14.61
CA GLU A 151 -11.72 2.88 13.63
C GLU A 151 -10.51 2.03 13.26
N LEU A 152 -9.38 2.68 13.03
CA LEU A 152 -8.15 1.97 12.67
C LEU A 152 -7.73 1.02 13.79
N ALA A 153 -7.86 1.48 15.02
CA ALA A 153 -7.43 0.71 16.19
C ALA A 153 -8.28 -0.55 16.43
N SER A 154 -9.55 -0.49 16.08
CA SER A 154 -10.49 -1.56 16.47
C SER A 154 -10.26 -2.89 15.76
N HIS A 155 -9.52 -2.87 14.65
CA HIS A 155 -9.28 -4.09 13.89
C HIS A 155 -8.14 -3.86 12.89
N PHE A 156 -7.18 -4.78 12.85
CA PHE A 156 -6.08 -4.65 11.90
C PHE A 156 -6.56 -5.29 10.61
N ASP A 157 -7.36 -4.53 9.88
CA ASP A 157 -8.03 -5.06 8.69
C ASP A 157 -7.57 -4.38 7.41
N ILE A 158 -8.40 -4.41 6.38
CA ILE A 158 -8.03 -3.77 5.11
C ILE A 158 -7.65 -2.28 5.27
N ALA A 159 -8.37 -1.56 6.13
CA ALA A 159 -8.16 -0.12 6.28
C ALA A 159 -6.85 0.10 7.02
N ALA A 160 -6.65 -0.67 8.09
CA ALA A 160 -5.47 -0.50 8.93
C ALA A 160 -4.21 -0.89 8.18
N ILE A 161 -4.29 -1.99 7.43
CA ILE A 161 -3.16 -2.45 6.64
C ILE A 161 -2.77 -1.41 5.61
N SER A 162 -3.75 -0.87 4.89
CA SER A 162 -3.44 0.11 3.86
C SER A 162 -2.83 1.39 4.44
N VAL A 163 -3.44 1.93 5.49
CA VAL A 163 -2.89 3.12 6.14
C VAL A 163 -1.48 2.81 6.64
N ALA A 164 -1.32 1.69 7.32
CA ALA A 164 0.00 1.34 7.88
C ALA A 164 1.07 1.32 6.80
N CYS A 165 0.74 0.74 5.66
CA CYS A 165 1.69 0.66 4.56
C CYS A 165 1.98 2.01 3.95
N ALA A 166 0.98 2.88 3.93
CA ALA A 166 1.17 4.23 3.38
C ALA A 166 2.17 5.00 4.26
N LEU A 167 1.98 4.90 5.57
CA LEU A 167 2.85 5.57 6.54
C LEU A 167 4.29 5.06 6.47
N GLY A 168 4.45 3.75 6.32
CA GLY A 168 5.78 3.18 6.18
C GLY A 168 6.48 3.73 4.97
N TYR A 169 5.73 3.95 3.88
CA TYR A 169 6.36 4.42 2.66
C TYR A 169 6.74 5.89 2.78
N LEU A 170 5.98 6.65 3.57
CA LEU A 170 6.32 8.05 3.81
C LEU A 170 7.65 8.15 4.58
N ASP A 171 7.82 7.32 5.61
CA ASP A 171 9.09 7.25 6.33
C ASP A 171 10.23 6.86 5.40
N PHE A 172 9.95 5.94 4.49
CA PHE A 172 10.97 5.38 3.61
C PHE A 172 11.41 6.36 2.51
N ARG A 173 10.46 6.96 1.80
CA ARG A 173 10.78 7.79 0.64
C ARG A 173 10.56 9.29 0.80
N HIS A 174 9.87 9.69 1.87
CA HIS A 174 9.58 11.11 2.08
C HIS A 174 9.78 11.48 3.55
N PRO A 175 10.97 11.24 4.10
CA PRO A 175 11.12 11.47 5.55
C PRO A 175 11.07 12.97 5.88
N ASP A 176 11.15 13.81 4.86
CA ASP A 176 11.11 15.26 5.03
C ASP A 176 9.72 15.80 5.42
N LEU A 177 8.68 14.99 5.19
CA LEU A 177 7.33 15.39 5.57
C LEU A 177 7.13 15.42 7.09
N GLU A 178 7.87 14.58 7.82
CA GLU A 178 7.79 14.51 9.27
C GLU A 178 6.36 14.48 9.78
N TRP A 179 5.58 13.55 9.22
CA TRP A 179 4.15 13.47 9.48
C TRP A 179 3.77 13.29 10.94
N ARG A 180 4.70 12.83 11.78
CA ARG A 180 4.38 12.55 13.18
C ARG A 180 4.08 13.81 14.00
N GLN A 181 4.66 14.96 13.61
CA GLN A 181 4.52 16.19 14.39
C GLN A 181 3.06 16.58 14.58
N ASP A 182 2.35 16.67 13.45
CA ASP A 182 0.97 17.14 13.43
C ASP A 182 -0.05 16.02 13.66
N HIS A 183 0.42 14.79 13.75
CA HIS A 183 -0.50 13.65 13.84
C HIS A 183 -0.11 12.65 14.90
N PRO A 184 -0.21 13.05 16.18
CA PRO A 184 0.28 12.24 17.30
C PRO A 184 -0.48 10.94 17.51
N GLN A 185 -1.80 10.97 17.37
CA GLN A 185 -2.57 9.76 17.65
C GLN A 185 -2.30 8.71 16.58
N LEU A 186 -2.19 9.16 15.33
CA LEU A 186 -1.84 8.28 14.23
C LEU A 186 -0.44 7.69 14.46
N ALA A 187 0.51 8.55 14.84
CA ALA A 187 1.88 8.11 15.13
C ALA A 187 1.93 7.05 16.22
N ALA A 188 1.20 7.26 17.29
CA ALA A 188 1.19 6.30 18.40
C ALA A 188 0.62 4.95 17.97
N TRP A 189 -0.50 4.99 17.25
CA TRP A 189 -1.09 3.78 16.69
C TRP A 189 -0.10 3.10 15.72
N TYR A 190 0.54 3.89 14.87
CA TYR A 190 1.48 3.33 13.91
C TYR A 190 2.68 2.64 14.57
N PHE A 191 3.22 3.22 15.63
CA PHE A 191 4.27 2.53 16.34
C PHE A 191 3.77 1.17 16.84
N GLU A 192 2.56 1.15 17.42
CA GLU A 192 2.03 -0.10 17.98
C GLU A 192 1.85 -1.20 16.92
N ILE A 193 1.14 -0.90 15.84
CA ILE A 193 0.94 -1.94 14.82
C ILE A 193 2.21 -2.33 14.08
N SER A 194 3.20 -1.42 14.09
CA SER A 194 4.48 -1.71 13.46
C SER A 194 5.15 -2.90 14.11
N GLN A 195 4.76 -3.19 15.36
CA GLN A 195 5.33 -4.32 16.08
C GLN A 195 4.68 -5.66 15.72
N ARG A 196 3.64 -5.65 14.89
CA ARG A 196 3.05 -6.91 14.48
C ARG A 196 4.06 -7.65 13.62
N PRO A 197 4.11 -8.98 13.77
CA PRO A 197 5.03 -9.79 12.97
C PRO A 197 4.86 -9.53 11.47
N SER A 198 3.61 -9.33 11.01
CA SER A 198 3.35 -9.10 9.59
C SER A 198 4.00 -7.81 9.10
N LEU A 200 6.75 -6.22 10.77
CA LEU A 200 8.19 -6.43 10.93
C LEU A 200 8.80 -7.18 9.74
N ALA A 201 8.05 -8.17 9.24
CA ALA A 201 8.52 -9.03 8.16
C ALA A 201 8.48 -8.39 6.77
N THR A 202 7.84 -7.22 6.65
CA THR A 202 7.61 -6.64 5.34
C THR A 202 8.19 -5.24 5.18
N ARG A 203 9.03 -4.82 6.12
CA ARG A 203 9.64 -3.49 6.06
C ARG A 203 10.45 -3.30 4.78
N PRO A 204 10.46 -2.06 4.25
CA PRO A 204 11.24 -1.78 3.04
C PRO A 204 12.74 -1.87 3.37
N PRO A 205 13.58 -2.16 2.38
CA PRO A 205 15.01 -2.40 2.59
C PRO A 205 15.76 -1.20 3.16
N VAL A 206 16.73 -1.46 4.02
CA VAL A 206 17.61 -0.41 4.56
C VAL A 206 18.63 0.02 3.53
#